data_9F7F
#
_entry.id   9F7F
#
_cell.length_a   38.060
_cell.length_b   44.410
_cell.length_c   55.600
_cell.angle_alpha   90.000
_cell.angle_beta   94.210
_cell.angle_gamma   90.000
#
_symmetry.space_group_name_H-M   'P 1 21 1'
#
loop_
_entity.id
_entity.type
_entity.pdbx_description
1 polymer 'Heterogeneous nuclear ribonucleoprotein A1, N-terminally processed'
2 non-polymer (3S)-1-(phenylsulfonyl)pyrrolidin-3-amine
3 water water
#
_entity_poly.entity_id   1
_entity_poly.type   'polypeptide(L)'
_entity_poly.pdbx_seq_one_letter_code
;GPMGSKSESPKEPEQLRKLFIGGLSFETTDESLRSHFEQWGTLTDCVVMRDPNTKRSRGFGFVTYATVEEVDAAMNARPH
KVDGRVVEPKRAVSREDSQRPGAHLTVKKIFVGGIKEDTEEHHLRDYFEQYGKIEVIEIMTDRGSGKKRGFAFVTFDDHD
SVDKIVIQKYHTVNGHNCEVRKALSKQEMASASSSQRG
;
_entity_poly.pdbx_strand_id   A
#
# COMPACT_ATOMS: atom_id res chain seq x y z
N PRO A 10 -14.41 12.98 13.10
CA PRO A 10 -14.79 12.40 11.80
C PRO A 10 -13.90 11.22 11.41
N LYS A 11 -14.53 10.15 10.91
CA LYS A 11 -13.83 8.92 10.60
C LYS A 11 -13.23 8.98 9.21
N GLU A 12 -12.11 8.30 9.02
CA GLU A 12 -11.55 8.16 7.69
C GLU A 12 -12.57 7.42 6.82
N PRO A 13 -12.62 7.71 5.52
CA PRO A 13 -13.56 7.00 4.66
C PRO A 13 -13.37 5.49 4.78
N GLU A 14 -14.49 4.80 4.95
CA GLU A 14 -14.46 3.34 5.10
C GLU A 14 -13.70 2.66 3.97
N GLN A 15 -13.79 3.19 2.76
CA GLN A 15 -13.13 2.53 1.64
C GLN A 15 -11.62 2.46 1.80
N LEU A 16 -11.01 3.35 2.58
CA LEU A 16 -9.57 3.40 2.82
C LEU A 16 -9.17 2.59 4.03
N ARG A 17 -10.12 1.91 4.64
CA ARG A 17 -9.88 1.12 5.84
C ARG A 17 -10.06 -0.37 5.60
N LYS A 18 -10.24 -0.73 4.33
CA LYS A 18 -10.56 -2.14 4.02
C LYS A 18 -9.36 -2.85 3.40
N LEU A 19 -9.04 -4.04 3.91
CA LEU A 19 -7.96 -4.82 3.29
C LEU A 19 -8.53 -6.05 2.60
N PHE A 20 -8.08 -6.25 1.38
CA PHE A 20 -8.37 -7.52 0.71
C PHE A 20 -7.35 -8.50 1.27
N ILE A 21 -7.80 -9.70 1.61
CA ILE A 21 -6.90 -10.76 2.12
C ILE A 21 -7.01 -11.96 1.16
N GLY A 22 -5.97 -12.16 0.39
CA GLY A 22 -5.95 -13.31 -0.53
C GLY A 22 -5.16 -14.49 -0.02
N GLY A 23 -5.33 -15.60 -0.69
CA GLY A 23 -4.58 -16.79 -0.34
C GLY A 23 -5.06 -17.49 0.91
N LEU A 24 -6.32 -17.33 1.22
CA LEU A 24 -6.79 -17.89 2.49
C LEU A 24 -6.82 -19.39 2.43
N SER A 25 -6.60 -20.04 3.56
CA SER A 25 -7.04 -21.42 3.71
C SER A 25 -8.54 -21.52 3.51
N PHE A 26 -8.98 -22.57 2.82
CA PHE A 26 -10.41 -22.78 2.68
C PHE A 26 -11.09 -23.07 4.02
N GLU A 27 -10.31 -23.38 5.05
CA GLU A 27 -10.87 -23.57 6.38
C GLU A 27 -11.06 -22.27 7.15
N THR A 28 -10.50 -21.16 6.68
CA THR A 28 -10.69 -19.90 7.38
C THR A 28 -12.15 -19.45 7.30
N THR A 29 -12.67 -18.93 8.41
CA THR A 29 -14.05 -18.48 8.53
C THR A 29 -14.06 -16.99 8.86
N ASP A 30 -15.25 -16.37 8.76
CA ASP A 30 -15.40 -15.00 9.27
C ASP A 30 -14.81 -14.90 10.67
N GLU A 31 -15.10 -15.88 11.51
CA GLU A 31 -14.69 -15.84 12.91
C GLU A 31 -13.18 -16.01 13.07
N SER A 32 -12.57 -16.93 12.34
CA SER A 32 -11.13 -17.10 12.53
C SER A 32 -10.35 -15.97 11.85
N LEU A 33 -10.86 -15.45 10.73
CA LEU A 33 -10.23 -14.28 10.10
C LEU A 33 -10.27 -13.09 11.05
N ARG A 34 -11.42 -12.87 11.70
CA ARG A 34 -11.58 -11.77 12.64
C ARG A 34 -10.68 -11.96 13.85
N SER A 35 -10.67 -13.18 14.40
CA SER A 35 -9.85 -13.40 15.59
C SER A 35 -8.37 -13.09 15.30
N HIS A 36 -7.89 -13.43 14.10
CA HIS A 36 -6.52 -13.12 13.73
C HIS A 36 -6.31 -11.61 13.58
N PHE A 37 -7.07 -10.98 12.69
CA PHE A 37 -6.76 -9.59 12.36
C PHE A 37 -7.17 -8.60 13.44
N GLU A 38 -8.01 -8.98 14.41
CA GLU A 38 -8.27 -8.07 15.53
C GLU A 38 -7.03 -7.84 16.37
N GLN A 39 -5.95 -8.59 16.16
CA GLN A 39 -4.76 -8.34 16.97
C GLN A 39 -4.14 -6.98 16.64
N TRP A 40 -4.47 -6.41 15.48
CA TRP A 40 -3.88 -5.12 15.06
C TRP A 40 -4.89 -3.99 14.98
N GLY A 41 -6.12 -4.20 15.44
CA GLY A 41 -7.04 -3.09 15.55
C GLY A 41 -8.47 -3.57 15.62
N THR A 42 -9.36 -2.61 15.83
CA THR A 42 -10.79 -2.86 15.88
C THR A 42 -11.32 -3.10 14.48
N LEU A 43 -12.03 -4.22 14.29
CA LEU A 43 -12.57 -4.59 12.99
C LEU A 43 -14.06 -4.26 12.97
N THR A 44 -14.45 -3.34 12.09
CA THR A 44 -15.86 -3.06 11.91
C THR A 44 -16.55 -4.03 10.95
N ASP A 45 -15.80 -4.78 10.16
CA ASP A 45 -16.35 -5.77 9.26
C ASP A 45 -15.26 -6.80 8.95
N CYS A 46 -15.71 -8.03 8.67
CA CYS A 46 -14.77 -9.13 8.41
C CYS A 46 -15.55 -10.27 7.76
N VAL A 47 -15.27 -10.55 6.48
CA VAL A 47 -16.02 -11.55 5.75
C VAL A 47 -15.09 -12.40 4.89
N VAL A 48 -15.37 -13.70 4.86
CA VAL A 48 -14.73 -14.62 3.92
C VAL A 48 -15.67 -14.76 2.74
N MET A 49 -15.13 -14.62 1.53
CA MET A 49 -15.98 -14.73 0.35
C MET A 49 -16.19 -16.21 0.03
N ARG A 50 -17.44 -16.60 -0.26
CA ARG A 50 -17.79 -18.00 -0.49
C ARG A 50 -18.61 -18.16 -1.76
N ASP A 51 -18.61 -19.38 -2.27
CA ASP A 51 -19.49 -19.68 -3.37
C ASP A 51 -20.95 -19.52 -2.90
N PRO A 52 -21.83 -18.96 -3.72
CA PRO A 52 -23.21 -18.77 -3.26
C PRO A 52 -23.99 -20.06 -3.09
N ASN A 53 -23.59 -21.14 -3.77
CA ASN A 53 -24.32 -22.39 -3.69
C ASN A 53 -23.68 -23.40 -2.75
N THR A 54 -22.38 -23.62 -2.88
CA THR A 54 -21.71 -24.62 -2.09
C THR A 54 -21.24 -24.14 -0.72
N LYS A 55 -21.13 -22.83 -0.54
CA LYS A 55 -20.50 -22.21 0.62
C LYS A 55 -19.02 -22.53 0.74
N ARG A 56 -18.43 -23.16 -0.27
CA ARG A 56 -16.99 -23.38 -0.27
C ARG A 56 -16.27 -22.07 -0.45
N SER A 57 -15.23 -21.87 0.37
CA SER A 57 -14.44 -20.64 0.31
C SER A 57 -13.92 -20.38 -1.10
N ARG A 58 -13.92 -19.09 -1.46
CA ARG A 58 -13.27 -18.63 -2.68
C ARG A 58 -11.81 -18.30 -2.46
N GLY A 59 -11.31 -18.45 -1.23
CA GLY A 59 -9.90 -18.25 -0.97
C GLY A 59 -9.49 -16.81 -0.70
N PHE A 60 -10.46 -15.90 -0.54
CA PHE A 60 -10.12 -14.54 -0.17
C PHE A 60 -11.25 -13.95 0.65
N GLY A 61 -10.92 -12.83 1.27
CA GLY A 61 -11.89 -12.19 2.14
C GLY A 61 -11.51 -10.72 2.30
N PHE A 62 -12.19 -10.04 3.18
CA PHE A 62 -11.99 -8.60 3.40
C PHE A 62 -12.12 -8.30 4.88
N VAL A 63 -11.25 -7.45 5.36
CA VAL A 63 -11.35 -6.98 6.76
C VAL A 63 -11.37 -5.44 6.73
N THR A 64 -12.21 -4.85 7.57
CA THR A 64 -12.31 -3.38 7.62
C THR A 64 -11.97 -2.94 9.03
N TYR A 65 -10.96 -2.10 9.14
CA TYR A 65 -10.54 -1.56 10.43
C TYR A 65 -11.25 -0.25 10.73
N ALA A 66 -11.22 0.13 12.01
CA ALA A 66 -11.85 1.39 12.39
C ALA A 66 -11.05 2.61 11.93
N THR A 67 -9.73 2.48 11.77
CA THR A 67 -8.87 3.59 11.38
C THR A 67 -7.83 3.15 10.37
N VAL A 68 -7.37 4.12 9.59
CA VAL A 68 -6.26 3.90 8.65
C VAL A 68 -4.99 3.48 9.39
N GLU A 69 -4.73 4.07 10.55
CA GLU A 69 -3.58 3.66 11.35
C GLU A 69 -3.60 2.17 11.65
N GLU A 70 -4.79 1.60 11.88
CA GLU A 70 -4.88 0.17 12.12
C GLU A 70 -4.56 -0.64 10.86
N VAL A 71 -5.02 -0.16 9.70
CA VAL A 71 -4.62 -0.79 8.45
C VAL A 71 -3.10 -0.83 8.34
N ASP A 72 -2.45 0.32 8.62
CA ASP A 72 -0.99 0.38 8.59
C ASP A 72 -0.38 -0.65 9.52
N ALA A 73 -0.94 -0.78 10.73
CA ALA A 73 -0.39 -1.72 11.69
C ALA A 73 -0.52 -3.15 11.18
N ALA A 74 -1.67 -3.48 10.61
CA ALA A 74 -1.85 -4.80 10.01
C ALA A 74 -0.82 -5.05 8.92
N MET A 75 -0.64 -4.08 8.01
CA MET A 75 0.34 -4.30 6.94
C MET A 75 1.77 -4.41 7.48
N ASN A 76 2.10 -3.64 8.52
CA ASN A 76 3.45 -3.71 9.04
C ASN A 76 3.71 -5.01 9.78
N ALA A 77 2.67 -5.77 10.11
CA ALA A 77 2.79 -7.06 10.79
C ALA A 77 2.87 -8.24 9.82
N ARG A 78 2.84 -7.98 8.51
CA ARG A 78 3.09 -9.04 7.54
C ARG A 78 4.49 -9.60 7.78
N PRO A 79 4.72 -10.86 7.45
CA PRO A 79 3.75 -11.80 6.84
C PRO A 79 2.74 -12.33 7.83
N HIS A 80 1.51 -12.49 7.38
CA HIS A 80 0.43 -13.01 8.20
C HIS A 80 0.20 -14.46 7.84
N LYS A 81 0.40 -15.36 8.80
CA LYS A 81 0.02 -16.77 8.66
C LYS A 81 -1.31 -16.98 9.36
N VAL A 82 -2.35 -17.27 8.58
CA VAL A 82 -3.70 -17.39 9.12
C VAL A 82 -4.17 -18.80 8.88
N ASP A 83 -4.51 -19.52 9.95
CA ASP A 83 -4.98 -20.89 9.83
C ASP A 83 -4.02 -21.73 9.00
N GLY A 84 -2.72 -21.49 9.20
CA GLY A 84 -1.67 -22.29 8.62
C GLY A 84 -1.18 -21.87 7.25
N ARG A 85 -1.75 -20.81 6.66
CA ARG A 85 -1.35 -20.34 5.34
C ARG A 85 -0.91 -18.89 5.42
N VAL A 86 0.21 -18.56 4.75
CA VAL A 86 0.60 -17.16 4.61
C VAL A 86 -0.31 -16.49 3.59
N VAL A 87 -1.02 -15.46 4.02
CA VAL A 87 -2.03 -14.84 3.18
C VAL A 87 -1.44 -13.59 2.56
N GLU A 88 -2.20 -12.91 1.70
CA GLU A 88 -1.67 -11.78 0.93
C GLU A 88 -2.58 -10.58 1.10
N PRO A 89 -2.30 -9.71 2.06
CA PRO A 89 -3.15 -8.53 2.27
C PRO A 89 -2.81 -7.40 1.33
N LYS A 90 -3.84 -6.69 0.86
CA LYS A 90 -3.65 -5.54 -0.01
C LYS A 90 -4.73 -4.51 0.29
N ARG A 91 -4.40 -3.23 0.29
CA ARG A 91 -5.44 -2.23 0.43
C ARG A 91 -6.45 -2.39 -0.70
N ALA A 92 -7.74 -2.43 -0.35
CA ALA A 92 -8.76 -2.78 -1.33
C ALA A 92 -9.06 -1.64 -2.28
N VAL A 93 -8.96 -0.40 -1.84
CA VAL A 93 -9.27 0.76 -2.67
C VAL A 93 -8.10 1.72 -2.59
N SER A 94 -7.44 1.97 -3.73
CA SER A 94 -6.34 2.92 -3.75
C SER A 94 -6.49 3.99 -4.83
N ARG A 95 -7.63 4.03 -5.52
CA ARG A 95 -7.91 5.04 -6.52
C ARG A 95 -9.36 5.45 -6.44
N THR A 106 -0.49 -3.93 -8.66
CA THR A 106 0.42 -4.10 -7.53
C THR A 106 1.86 -3.91 -8.01
N VAL A 107 2.42 -2.75 -7.70
CA VAL A 107 3.76 -2.39 -8.16
C VAL A 107 4.53 -1.78 -7.00
N LYS A 108 5.86 -1.74 -7.18
CA LYS A 108 6.78 -1.26 -6.17
C LYS A 108 7.45 0.05 -6.57
N LYS A 109 7.07 0.62 -7.71
CA LYS A 109 7.75 1.77 -8.29
C LYS A 109 6.77 2.90 -8.54
N ILE A 110 7.21 4.14 -8.28
CA ILE A 110 6.40 5.31 -8.53
C ILE A 110 7.15 6.27 -9.46
N PHE A 111 6.37 6.98 -10.26
CA PHE A 111 6.76 8.19 -10.96
C PHE A 111 6.54 9.38 -10.04
N VAL A 112 7.53 10.26 -9.96
CA VAL A 112 7.45 11.49 -9.19
C VAL A 112 7.73 12.65 -10.14
N GLY A 113 6.71 13.44 -10.45
CA GLY A 113 6.88 14.52 -11.40
C GLY A 113 6.74 15.89 -10.75
N GLY A 114 7.27 16.92 -11.39
CA GLY A 114 7.16 18.27 -10.89
C GLY A 114 8.26 18.68 -9.92
N ILE A 115 9.39 17.97 -9.90
CA ILE A 115 10.45 18.26 -8.95
C ILE A 115 11.46 19.26 -9.48
N LYS A 116 11.32 19.69 -10.73
CA LYS A 116 12.15 20.78 -11.28
C LYS A 116 13.62 20.31 -11.31
N GLU A 117 14.56 21.27 -11.31
CA GLU A 117 15.98 21.00 -11.48
C GLU A 117 16.79 21.06 -10.18
N ASP A 118 16.21 21.55 -9.09
CA ASP A 118 16.94 21.67 -7.83
C ASP A 118 16.67 20.52 -6.85
N THR A 119 15.85 19.55 -7.23
CA THR A 119 15.54 18.43 -6.36
C THR A 119 16.56 17.32 -6.57
N GLU A 120 17.15 16.85 -5.48
CA GLU A 120 18.22 15.86 -5.52
C GLU A 120 17.77 14.56 -4.86
N GLU A 121 18.63 13.55 -4.94
CA GLU A 121 18.27 12.23 -4.44
C GLU A 121 17.93 12.29 -2.95
N HIS A 122 18.69 13.06 -2.16
CA HIS A 122 18.43 13.09 -0.72
C HIS A 122 17.07 13.70 -0.38
N HIS A 123 16.60 14.68 -1.16
CA HIS A 123 15.25 15.21 -0.97
C HIS A 123 14.21 14.11 -1.11
N LEU A 124 14.33 13.31 -2.16
CA LEU A 124 13.34 12.25 -2.37
C LEU A 124 13.45 11.16 -1.31
N ARG A 125 14.68 10.81 -0.92
CA ARG A 125 14.86 9.77 0.09
C ARG A 125 14.33 10.21 1.45
N ASP A 126 14.69 11.42 1.88
CA ASP A 126 14.24 11.90 3.18
C ASP A 126 12.71 11.91 3.24
N TYR A 127 12.06 12.22 2.12
CA TYR A 127 10.61 12.27 2.10
C TYR A 127 10.00 10.87 2.03
N PHE A 128 10.40 10.08 1.04
CA PHE A 128 9.68 8.84 0.80
C PHE A 128 10.07 7.71 1.75
N GLU A 129 11.20 7.83 2.46
CA GLU A 129 11.63 6.74 3.32
C GLU A 129 10.62 6.45 4.43
N GLN A 130 9.75 7.41 4.75
CA GLN A 130 8.74 7.16 5.76
C GLN A 130 7.54 6.40 5.23
N TYR A 131 7.49 6.14 3.92
CA TYR A 131 6.45 5.31 3.35
C TYR A 131 6.88 3.85 3.22
N GLY A 132 8.19 3.62 3.11
CA GLY A 132 8.69 2.27 3.05
C GLY A 132 10.17 2.27 2.75
N LYS A 133 10.71 1.07 2.62
CA LYS A 133 12.14 0.89 2.37
C LYS A 133 12.46 1.12 0.91
N ILE A 134 13.29 2.12 0.65
CA ILE A 134 13.64 2.51 -0.71
C ILE A 134 14.81 1.65 -1.17
N GLU A 135 14.71 1.14 -2.40
CA GLU A 135 15.81 0.39 -3.01
C GLU A 135 16.49 1.12 -4.17
N VAL A 136 15.77 1.96 -4.91
CA VAL A 136 16.33 2.71 -6.04
C VAL A 136 15.71 4.09 -6.09
N ILE A 137 16.53 5.11 -6.31
CA ILE A 137 16.07 6.44 -6.67
C ILE A 137 16.74 6.82 -7.98
N GLU A 138 15.94 7.16 -8.97
CA GLU A 138 16.45 7.49 -10.30
C GLU A 138 15.94 8.88 -10.69
N ILE A 139 16.81 9.87 -10.56
CA ILE A 139 16.50 11.22 -10.98
C ILE A 139 16.78 11.31 -12.48
N MET A 140 15.75 11.63 -13.27
CA MET A 140 15.85 11.57 -14.72
C MET A 140 16.61 12.78 -15.27
N THR A 141 17.55 12.53 -16.18
CA THR A 141 18.31 13.60 -16.82
C THR A 141 18.20 13.48 -18.33
N ASP A 142 18.44 14.61 -19.00
CA ASP A 142 18.37 14.63 -20.45
C ASP A 142 19.50 13.82 -21.07
N ARG A 143 19.15 12.96 -22.04
CA ARG A 143 20.10 12.04 -22.67
C ARG A 143 21.22 12.79 -23.39
N GLY A 144 20.96 13.98 -23.88
CA GLY A 144 21.95 14.75 -24.61
C GLY A 144 22.75 15.73 -23.77
N SER A 145 22.10 16.45 -22.86
CA SER A 145 22.73 17.51 -22.10
C SER A 145 23.04 17.15 -20.66
N GLY A 146 22.43 16.10 -20.12
CA GLY A 146 22.56 15.75 -18.72
C GLY A 146 21.77 16.64 -17.77
N LYS A 147 21.02 17.61 -18.29
CA LYS A 147 20.23 18.47 -17.43
C LYS A 147 19.09 17.67 -16.80
N LYS A 148 18.70 18.06 -15.60
CA LYS A 148 17.61 17.36 -14.94
C LYS A 148 16.31 17.64 -15.68
N ARG A 149 15.47 16.62 -15.78
CA ARG A 149 14.24 16.78 -16.54
C ARG A 149 13.04 17.09 -15.66
N GLY A 150 13.19 17.06 -14.33
CA GLY A 150 12.10 17.39 -13.46
C GLY A 150 11.21 16.24 -13.07
N PHE A 151 11.68 15.01 -13.20
CA PHE A 151 10.93 13.87 -12.66
C PHE A 151 11.90 12.77 -12.28
N ALA A 152 11.38 11.78 -11.56
CA ALA A 152 12.21 10.75 -10.98
C ALA A 152 11.36 9.50 -10.78
N PHE A 153 12.04 8.39 -10.55
CA PHE A 153 11.38 7.15 -10.17
C PHE A 153 11.95 6.67 -8.85
N VAL A 154 11.09 6.17 -7.99
CA VAL A 154 11.49 5.61 -6.71
C VAL A 154 10.95 4.20 -6.64
N THR A 155 11.83 3.25 -6.33
CA THR A 155 11.46 1.84 -6.19
C THR A 155 11.60 1.42 -4.73
N PHE A 156 10.55 0.79 -4.20
CA PHE A 156 10.50 0.32 -2.84
C PHE A 156 10.65 -1.20 -2.81
N ASP A 157 10.86 -1.74 -1.61
CA ASP A 157 10.95 -3.20 -1.48
C ASP A 157 9.60 -3.89 -1.40
N ASP A 158 8.50 -3.14 -1.47
CA ASP A 158 7.18 -3.73 -1.23
C ASP A 158 6.10 -2.79 -1.74
N HIS A 159 4.98 -3.38 -2.14
CA HIS A 159 3.91 -2.62 -2.81
C HIS A 159 3.11 -1.73 -1.86
N ASP A 160 3.06 -2.03 -0.56
CA ASP A 160 2.14 -1.26 0.27
C ASP A 160 2.61 0.19 0.39
N SER A 161 3.92 0.42 0.36
N SER A 161 3.92 0.42 0.33
CA SER A 161 4.44 1.78 0.32
CA SER A 161 4.45 1.78 0.32
C SER A 161 3.79 2.56 -0.82
C SER A 161 3.87 2.59 -0.83
N VAL A 162 3.80 1.99 -2.03
CA VAL A 162 3.24 2.65 -3.19
C VAL A 162 1.75 2.88 -3.00
N ASP A 163 1.03 1.90 -2.46
CA ASP A 163 -0.40 2.08 -2.28
C ASP A 163 -0.69 3.23 -1.32
N LYS A 164 0.07 3.31 -0.21
CA LYS A 164 -0.08 4.45 0.69
C LYS A 164 0.19 5.76 -0.03
N ILE A 165 1.22 5.78 -0.86
CA ILE A 165 1.65 7.02 -1.50
C ILE A 165 0.57 7.54 -2.46
N VAL A 166 0.05 6.67 -3.32
CA VAL A 166 -0.87 7.18 -4.36
C VAL A 166 -2.25 7.49 -3.82
N ILE A 167 -2.60 6.99 -2.62
CA ILE A 167 -3.85 7.38 -1.97
C ILE A 167 -3.80 8.83 -1.51
N GLN A 168 -2.61 9.32 -1.11
CA GLN A 168 -2.52 10.71 -0.65
C GLN A 168 -2.91 11.68 -1.75
N LYS A 169 -3.66 12.73 -1.38
CA LYS A 169 -4.01 13.77 -2.34
C LYS A 169 -2.81 14.65 -2.70
N TYR A 170 -1.85 14.83 -1.79
CA TYR A 170 -0.74 15.78 -1.96
C TYR A 170 0.60 15.17 -1.59
N HIS A 171 1.64 15.59 -2.31
CA HIS A 171 3.02 15.27 -1.96
C HIS A 171 3.87 16.51 -2.16
N THR A 172 4.46 17.01 -1.09
CA THR A 172 5.34 18.18 -1.12
C THR A 172 6.76 17.71 -0.86
N VAL A 173 7.62 17.86 -1.86
CA VAL A 173 9.02 17.47 -1.76
C VAL A 173 9.86 18.65 -2.21
N ASN A 174 10.83 19.03 -1.39
CA ASN A 174 11.73 20.14 -1.71
C ASN A 174 10.95 21.38 -2.10
N GLY A 175 9.84 21.62 -1.40
CA GLY A 175 9.00 22.76 -1.66
C GLY A 175 8.17 22.70 -2.92
N HIS A 176 8.21 21.60 -3.65
CA HIS A 176 7.47 21.44 -4.88
C HIS A 176 6.23 20.61 -4.61
N ASN A 177 5.12 20.97 -5.26
CA ASN A 177 3.91 20.16 -5.23
C ASN A 177 4.01 19.12 -6.35
N CYS A 178 4.16 17.85 -5.98
CA CYS A 178 4.56 16.81 -6.90
C CYS A 178 3.37 15.96 -7.36
N GLU A 179 3.48 15.44 -8.57
CA GLU A 179 2.51 14.48 -9.08
C GLU A 179 3.13 13.09 -8.97
N VAL A 180 2.43 12.18 -8.30
CA VAL A 180 2.96 10.86 -8.03
C VAL A 180 1.99 9.82 -8.55
N ARG A 181 2.50 8.88 -9.34
CA ARG A 181 1.67 7.82 -9.89
C ARG A 181 2.44 6.51 -9.85
N LYS A 182 1.68 5.42 -9.93
CA LYS A 182 2.30 4.11 -10.07
C LYS A 182 3.05 4.03 -11.38
N ALA A 183 4.22 3.38 -11.37
CA ALA A 183 5.04 3.21 -12.56
C ALA A 183 5.16 1.73 -12.88
N LEU A 184 4.92 1.39 -14.15
CA LEU A 184 4.87 -0.01 -14.59
C LEU A 184 6.15 -0.50 -15.28
#